data_4JOI
#
_entry.id   4JOI
#
_cell.length_a   130.613
_cell.length_b   58.101
_cell.length_c   87.458
_cell.angle_alpha   90.00
_cell.angle_beta   90.00
_cell.angle_gamma   90.00
#
_symmetry.space_group_name_H-M   'P 21 21 2'
#
loop_
_entity.id
_entity.type
_entity.pdbx_description
1 polymer 'CST complex subunit STN1'
2 polymer 'CST complex subunit TEN1'
3 water water
#
loop_
_entity_poly.entity_id
_entity_poly.type
_entity_poly.pdbx_seq_one_letter_code
_entity_poly.pdbx_strand_id
1 'polypeptide(L)'
;LDPVFLAFAKLYIRDILDMKESRQVPGVFLYNGHPIKQVDVLGTVIGVRERDAFYSYGVDDSTGVINCICWKKLNTESVS
AAPSAARELSLTSQLKKLQETIEQKTKIEIGDTIRVRGSIRTYREEREIHATTYYKVDDPVWNIQIARMLELPTIYRKVY
DQPFHS
;
A,B
2 'polypeptide(L)'
;MLPKPGTYYLPWEVSAGQVPDGSTLRTFGRLCLYDMIQSRVTLMAQHGSDQHQVLVCTKLVEPFHAQVGSLYIVLGELQH
QQDRGSVVKARVLTCVEGMNLPLLEQAIREQRLYKQERGGSQ
;
D,C
#
# COMPACT_ATOMS: atom_id res chain seq x y z
N LEU A 6 -7.23 20.22 -9.72
CA LEU A 6 -7.40 20.53 -11.19
C LEU A 6 -6.11 20.82 -11.95
N ALA A 7 -5.09 21.30 -11.25
CA ALA A 7 -3.79 21.58 -11.87
C ALA A 7 -2.81 20.41 -11.64
N PHE A 8 -1.66 20.47 -12.30
CA PHE A 8 -0.56 19.65 -11.84
C PHE A 8 0.12 20.42 -10.71
N ALA A 9 -0.07 19.94 -9.48
CA ALA A 9 0.40 20.67 -8.30
C ALA A 9 1.92 20.56 -8.14
N LYS A 10 2.58 21.69 -8.05
CA LYS A 10 4.01 21.71 -7.80
C LYS A 10 4.27 21.49 -6.32
N LEU A 11 4.93 20.39 -5.97
CA LEU A 11 5.10 20.01 -4.57
C LEU A 11 6.49 19.44 -4.38
N TYR A 12 7.03 19.59 -3.17
CA TYR A 12 8.21 18.84 -2.76
C TYR A 12 7.98 17.33 -2.80
N ILE A 13 8.96 16.59 -3.33
CA ILE A 13 8.85 15.12 -3.35
C ILE A 13 8.65 14.56 -1.94
N ARG A 14 9.22 15.24 -0.95
CA ARG A 14 9.09 14.82 0.42
C ARG A 14 7.61 14.83 0.87
N ASP A 15 6.83 15.82 0.40
CA ASP A 15 5.40 15.90 0.74
C ASP A 15 4.60 14.83 0.01
N ILE A 16 4.95 14.59 -1.24
CA ILE A 16 4.33 13.53 -2.03
C ILE A 16 4.48 12.17 -1.34
N LEU A 17 5.67 11.91 -0.81
CA LEU A 17 5.99 10.65 -0.18
C LEU A 17 5.23 10.48 1.13
N ASP A 18 4.88 11.57 1.81
CA ASP A 18 4.26 11.35 3.12
C ASP A 18 2.85 11.94 3.38
N MET A 19 2.26 12.61 2.40
CA MET A 19 0.85 13.02 2.48
C MET A 19 -0.05 11.80 2.72
N LYS A 20 -1.04 11.96 3.59
CA LYS A 20 -1.97 10.88 3.86
C LYS A 20 -2.94 10.72 2.69
N GLU A 21 -3.29 9.48 2.41
CA GLU A 21 -4.26 9.19 1.36
C GLU A 21 -5.66 9.34 1.93
N SER A 22 -6.57 9.85 1.10
CA SER A 22 -7.97 9.96 1.47
C SER A 22 -8.58 8.58 1.42
N ARG A 23 -9.20 8.18 2.52
CA ARG A 23 -9.93 6.93 2.55
C ARG A 23 -11.22 7.00 1.73
N GLN A 24 -11.91 8.13 1.82
CA GLN A 24 -13.17 8.34 1.12
C GLN A 24 -13.01 8.35 -0.38
N VAL A 25 -11.95 9.01 -0.87
CA VAL A 25 -11.67 9.04 -2.31
C VAL A 25 -10.23 8.56 -2.60
N PRO A 26 -10.08 7.23 -2.80
CA PRO A 26 -8.76 6.67 -3.08
C PRO A 26 -8.07 7.32 -4.27
N GLY A 27 -6.75 7.35 -4.24
CA GLY A 27 -5.97 8.06 -5.25
C GLY A 27 -5.97 9.58 -5.09
N VAL A 28 -6.68 10.10 -4.08
CA VAL A 28 -6.58 11.50 -3.71
C VAL A 28 -5.82 11.57 -2.39
N PHE A 29 -4.80 12.45 -2.34
CA PHE A 29 -3.93 12.59 -1.19
C PHE A 29 -4.09 13.98 -0.58
N LEU A 30 -3.79 14.12 0.71
CA LEU A 30 -4.16 15.32 1.45
C LEU A 30 -2.96 16.05 2.01
N TYR A 31 -2.88 17.32 1.65
CA TYR A 31 -1.90 18.19 2.26
C TYR A 31 -2.68 19.34 2.86
N ASN A 32 -2.63 19.42 4.20
CA ASN A 32 -3.34 20.48 4.94
C ASN A 32 -4.79 20.66 4.47
N GLY A 33 -5.50 19.55 4.29
CA GLY A 33 -6.91 19.59 3.86
C GLY A 33 -7.09 19.86 2.38
N HIS A 34 -5.98 20.07 1.66
CA HIS A 34 -5.99 20.22 0.21
C HIS A 34 -5.96 18.89 -0.47
N PRO A 35 -6.95 18.61 -1.34
CA PRO A 35 -6.99 17.33 -2.08
C PRO A 35 -6.01 17.34 -3.26
N ILE A 36 -4.99 16.50 -3.19
CA ILE A 36 -3.96 16.46 -4.22
C ILE A 36 -4.05 15.15 -4.99
N LYS A 37 -4.09 15.26 -6.32
CA LYS A 37 -3.98 14.09 -7.18
C LYS A 37 -2.83 14.23 -8.19
N GLN A 38 -2.95 15.21 -9.09
CA GLN A 38 -1.97 15.46 -10.13
C GLN A 38 -0.84 16.38 -9.64
N VAL A 39 0.41 15.98 -9.89
CA VAL A 39 1.60 16.69 -9.42
C VAL A 39 2.59 16.99 -10.55
N ASP A 40 3.50 17.92 -10.27
CA ASP A 40 4.51 18.39 -11.20
C ASP A 40 5.82 18.42 -10.44
N VAL A 41 6.71 17.50 -10.78
CA VAL A 41 8.00 17.38 -10.12
C VAL A 41 9.14 17.64 -11.11
N LEU A 42 10.24 18.18 -10.59
CA LEU A 42 11.46 18.44 -11.35
C LEU A 42 12.61 17.88 -10.50
N GLY A 43 13.50 17.09 -11.08
CA GLY A 43 14.70 16.72 -10.32
C GLY A 43 15.70 15.96 -11.15
N THR A 44 16.70 15.39 -10.47
CA THR A 44 17.82 14.73 -11.09
C THR A 44 17.46 13.25 -11.22
N VAL A 45 17.77 12.64 -12.36
CA VAL A 45 17.52 11.22 -12.54
C VAL A 45 18.65 10.51 -11.83
N ILE A 46 18.29 9.65 -10.88
CA ILE A 46 19.31 8.92 -10.11
C ILE A 46 19.24 7.40 -10.33
N GLY A 47 18.23 6.94 -11.07
CA GLY A 47 18.11 5.51 -11.38
C GLY A 47 17.26 5.35 -12.61
N VAL A 48 17.57 4.33 -13.40
CA VAL A 48 16.82 4.03 -14.62
C VAL A 48 16.54 2.53 -14.66
N ARG A 49 15.28 2.17 -14.75
CA ARG A 49 14.92 0.79 -15.03
C ARG A 49 13.99 0.73 -16.22
N GLU A 50 14.33 -0.10 -17.18
CA GLU A 50 13.51 -0.26 -18.38
C GLU A 50 12.79 -1.60 -18.39
N ARG A 51 11.49 -1.55 -18.66
CA ARG A 51 10.65 -2.72 -18.89
C ARG A 51 10.04 -2.57 -20.28
N ASP A 52 9.28 -3.57 -20.72
CA ASP A 52 8.74 -3.58 -22.08
C ASP A 52 7.83 -2.39 -22.36
N ALA A 53 6.93 -2.08 -21.42
CA ALA A 53 5.94 -1.04 -21.66
C ALA A 53 6.32 0.34 -21.08
N PHE A 54 7.28 0.37 -20.16
CA PHE A 54 7.56 1.60 -19.42
C PHE A 54 9.01 1.75 -18.98
N TYR A 55 9.39 3.00 -18.71
CA TYR A 55 10.60 3.31 -17.96
C TYR A 55 10.24 3.64 -16.52
N SER A 56 11.10 3.25 -15.59
CA SER A 56 11.03 3.71 -14.22
C SER A 56 12.22 4.64 -13.98
N TYR A 57 11.95 5.92 -13.72
CA TYR A 57 12.99 6.91 -13.44
C TYR A 57 12.96 7.33 -11.98
N GLY A 58 14.01 7.00 -11.25
CA GLY A 58 14.15 7.48 -9.86
C GLY A 58 14.55 8.94 -9.89
N VAL A 59 13.65 9.81 -9.39
CA VAL A 59 13.83 11.27 -9.41
C VAL A 59 14.12 11.90 -8.03
N ASP A 60 15.20 12.66 -7.97
CA ASP A 60 15.66 13.28 -6.73
C ASP A 60 15.58 14.81 -6.83
N ASP A 61 14.72 15.44 -6.01
CA ASP A 61 14.52 16.92 -6.06
C ASP A 61 15.18 17.66 -4.90
N SER A 62 16.07 16.96 -4.18
CA SER A 62 16.77 17.46 -2.96
C SER A 62 15.97 17.34 -1.69
N THR A 63 14.66 17.09 -1.81
CA THR A 63 13.84 16.83 -0.60
C THR A 63 13.45 15.36 -0.46
N GLY A 64 13.39 14.66 -1.58
CA GLY A 64 13.10 13.23 -1.53
C GLY A 64 13.37 12.60 -2.86
N VAL A 65 13.27 11.27 -2.90
CA VAL A 65 13.48 10.51 -4.12
C VAL A 65 12.24 9.65 -4.39
N ILE A 66 11.74 9.70 -5.63
CA ILE A 66 10.58 8.90 -5.98
C ILE A 66 10.73 8.34 -7.41
N ASN A 67 10.17 7.14 -7.62
CA ASN A 67 10.09 6.54 -8.94
C ASN A 67 8.94 7.13 -9.74
N CYS A 68 9.25 7.51 -10.97
CA CYS A 68 8.22 7.98 -11.91
C CYS A 68 8.14 6.92 -13.01
N ILE A 69 6.97 6.32 -13.15
CA ILE A 69 6.68 5.38 -14.22
C ILE A 69 6.28 6.14 -15.48
N CYS A 70 7.12 6.02 -16.50
CA CYS A 70 6.92 6.71 -17.76
C CYS A 70 6.68 5.70 -18.88
N TRP A 71 5.42 5.60 -19.31
CA TRP A 71 5.00 4.66 -20.36
C TRP A 71 5.65 4.99 -21.66
N LYS A 72 6.12 3.96 -22.36
CA LYS A 72 6.72 4.13 -23.67
C LYS A 72 5.65 4.52 -24.70
N LYS A 73 6.06 5.27 -25.71
CA LYS A 73 5.13 5.69 -26.78
C LYS A 73 4.75 4.55 -27.74
N LEU A 74 4.12 4.94 -28.85
CA LEU A 74 3.71 4.02 -29.92
C LEU A 74 3.28 2.64 -29.40
N GLN A 94 12.65 9.88 -42.76
CA GLN A 94 12.64 10.99 -41.80
C GLN A 94 12.33 10.55 -40.38
N LEU A 95 11.10 10.10 -40.13
CA LEU A 95 10.65 9.75 -38.76
C LEU A 95 11.57 8.72 -38.09
N LYS A 96 12.01 7.74 -38.88
CA LYS A 96 12.99 6.74 -38.43
C LYS A 96 14.40 7.10 -38.89
N LYS A 97 14.50 7.98 -39.89
CA LYS A 97 15.77 8.34 -40.51
C LYS A 97 16.38 9.61 -39.94
N LEU A 98 15.63 10.71 -40.00
CA LEU A 98 16.07 11.97 -39.39
C LEU A 98 16.09 11.86 -37.86
N GLN A 99 14.97 11.46 -37.26
CA GLN A 99 14.80 11.53 -35.80
C GLN A 99 15.15 10.27 -35.00
N GLU A 100 14.50 9.14 -35.31
CA GLU A 100 14.48 7.97 -34.42
C GLU A 100 15.85 7.46 -33.97
N THR A 101 16.81 7.36 -34.89
CA THR A 101 18.16 6.90 -34.55
C THR A 101 18.91 7.92 -33.67
N ILE A 102 18.48 9.17 -33.74
CA ILE A 102 19.00 10.24 -32.87
C ILE A 102 18.30 10.18 -31.50
N GLU A 103 16.98 9.96 -31.51
CA GLU A 103 16.21 9.72 -30.29
C GLU A 103 16.85 8.54 -29.57
N GLN A 104 17.12 7.49 -30.34
CA GLN A 104 17.75 6.25 -29.89
C GLN A 104 18.88 6.43 -28.87
N LYS A 105 19.76 7.41 -29.11
CA LYS A 105 20.90 7.61 -28.22
C LYS A 105 20.96 8.99 -27.57
N THR A 106 19.78 9.61 -27.40
CA THR A 106 19.65 10.78 -26.52
C THR A 106 18.72 10.46 -25.34
N LYS A 107 18.41 9.17 -25.17
CA LYS A 107 17.61 8.66 -24.07
C LYS A 107 18.00 9.25 -22.72
N ILE A 108 17.01 9.39 -21.84
CA ILE A 108 17.26 9.84 -20.47
C ILE A 108 18.21 8.90 -19.73
N GLU A 109 19.18 9.49 -19.03
CA GLU A 109 20.10 8.71 -18.20
C GLU A 109 20.32 9.31 -16.82
N ILE A 110 20.97 8.54 -15.94
CA ILE A 110 21.42 9.05 -14.65
C ILE A 110 22.15 10.39 -14.81
N GLY A 111 21.73 11.39 -14.07
CA GLY A 111 22.39 12.69 -14.15
C GLY A 111 21.61 13.73 -14.89
N ASP A 112 20.70 13.32 -15.77
CA ASP A 112 19.79 14.23 -16.48
C ASP A 112 18.77 14.85 -15.52
N THR A 113 18.27 16.02 -15.92
CA THR A 113 17.20 16.69 -15.22
C THR A 113 15.92 16.35 -15.96
N ILE A 114 14.90 15.88 -15.25
CA ILE A 114 13.59 15.70 -15.90
C ILE A 114 12.42 16.35 -15.18
N ARG A 115 11.40 16.69 -15.95
CA ARG A 115 10.12 17.16 -15.44
C ARG A 115 9.07 16.09 -15.70
N VAL A 116 8.27 15.81 -14.68
CA VAL A 116 7.25 14.76 -14.71
C VAL A 116 5.97 15.35 -14.18
N ARG A 117 4.95 15.36 -15.05
CA ARG A 117 3.58 15.70 -14.67
C ARG A 117 2.77 14.42 -14.70
N GLY A 118 2.19 14.07 -13.56
CA GLY A 118 1.35 12.87 -13.48
C GLY A 118 0.58 12.71 -12.19
N SER A 119 0.04 11.52 -11.99
CA SER A 119 -0.76 11.21 -10.81
C SER A 119 0.07 10.46 -9.76
N ILE A 120 -0.24 10.68 -8.48
CA ILE A 120 0.36 9.92 -7.39
C ILE A 120 -0.31 8.55 -7.29
N ARG A 121 0.48 7.48 -7.33
CA ARG A 121 -0.09 6.15 -7.13
C ARG A 121 0.63 5.40 -6.05
N THR A 122 -0.10 4.48 -5.42
CA THR A 122 0.47 3.50 -4.53
C THR A 122 0.48 2.17 -5.27
N TYR A 123 1.58 1.45 -5.16
CA TYR A 123 1.72 0.17 -5.80
C TYR A 123 2.73 -0.64 -5.00
N ARG A 124 2.31 -1.84 -4.61
CA ARG A 124 3.09 -2.74 -3.76
C ARG A 124 3.72 -2.02 -2.57
N GLU A 125 2.89 -1.29 -1.82
CA GLU A 125 3.31 -0.56 -0.62
C GLU A 125 4.39 0.52 -0.87
N GLU A 126 4.56 0.92 -2.13
CA GLU A 126 5.48 1.99 -2.48
C GLU A 126 4.69 3.10 -3.13
N ARG A 127 5.11 4.33 -2.89
CA ARG A 127 4.48 5.43 -3.58
C ARG A 127 5.27 5.80 -4.84
N GLU A 128 4.54 6.10 -5.91
CA GLU A 128 5.07 6.30 -7.26
C GLU A 128 4.30 7.40 -7.96
N ILE A 129 4.91 8.02 -8.97
CA ILE A 129 4.17 8.88 -9.87
C ILE A 129 3.96 8.17 -11.20
N HIS A 130 2.73 8.21 -11.69
CA HIS A 130 2.46 7.69 -13.00
C HIS A 130 2.36 8.85 -13.92
N ALA A 131 3.29 8.94 -14.86
CA ALA A 131 3.46 10.13 -15.69
C ALA A 131 2.38 10.25 -16.76
N THR A 132 1.81 11.45 -16.88
CA THR A 132 0.99 11.82 -18.03
C THR A 132 1.90 12.43 -19.10
N THR A 133 2.96 13.08 -18.65
CA THR A 133 3.95 13.76 -19.49
C THR A 133 5.31 13.76 -18.75
N TYR A 134 6.38 13.60 -19.50
CA TYR A 134 7.73 13.62 -18.94
C TYR A 134 8.70 14.04 -20.03
N TYR A 135 9.71 14.83 -19.64
CA TYR A 135 10.74 15.20 -20.61
C TYR A 135 12.02 15.58 -19.92
N LYS A 136 13.11 15.42 -20.66
CA LYS A 136 14.42 15.81 -20.21
C LYS A 136 14.50 17.32 -20.29
N VAL A 137 14.91 17.96 -19.21
CA VAL A 137 15.06 19.41 -19.23
C VAL A 137 16.52 19.76 -19.53
N ASP A 138 16.71 20.64 -20.49
CA ASP A 138 18.01 21.26 -20.74
C ASP A 138 18.15 22.43 -19.77
N ASP A 139 19.02 22.28 -18.76
CA ASP A 139 19.15 23.31 -17.75
C ASP A 139 20.62 23.62 -17.49
N PRO A 140 21.36 24.10 -18.52
CA PRO A 140 22.83 24.18 -18.47
C PRO A 140 23.43 25.10 -17.39
N VAL A 141 22.67 26.09 -16.92
CA VAL A 141 23.17 27.04 -15.93
C VAL A 141 22.28 27.01 -14.69
N TRP A 142 21.48 25.93 -14.56
CA TRP A 142 20.62 25.68 -13.37
C TRP A 142 19.52 26.66 -13.16
N ASN A 143 19.17 27.37 -14.23
CA ASN A 143 18.15 28.39 -14.29
C ASN A 143 16.75 27.96 -13.89
N ILE A 144 16.31 26.87 -14.51
CA ILE A 144 15.01 26.30 -14.27
C ILE A 144 14.94 25.70 -12.87
N GLN A 145 16.02 25.04 -12.44
CA GLN A 145 15.97 24.42 -11.14
C GLN A 145 16.04 25.46 -9.99
N ILE A 146 16.82 26.52 -10.19
CA ILE A 146 16.89 27.60 -9.18
C ILE A 146 15.54 28.27 -9.08
N ALA A 147 14.91 28.51 -10.22
CA ALA A 147 13.60 29.16 -10.24
C ALA A 147 12.55 28.31 -9.53
N ARG A 148 12.63 26.98 -9.68
CA ARG A 148 11.72 26.09 -9.02
C ARG A 148 11.94 26.09 -7.51
N MET A 149 13.20 26.02 -7.11
CA MET A 149 13.57 26.07 -5.71
C MET A 149 13.07 27.34 -5.02
N LEU A 150 13.12 28.47 -5.74
CA LEU A 150 12.68 29.76 -5.23
C LEU A 150 11.14 29.90 -5.21
N GLU A 151 10.49 29.32 -6.21
CA GLU A 151 9.03 29.39 -6.33
C GLU A 151 8.26 28.55 -5.31
N LEU A 152 8.76 27.36 -4.97
CA LEU A 152 7.96 26.42 -4.17
C LEU A 152 7.56 26.98 -2.80
N PRO A 153 8.47 27.66 -2.08
CA PRO A 153 8.06 28.15 -0.75
C PRO A 153 6.86 29.09 -0.83
N THR A 154 6.79 29.82 -1.92
CA THR A 154 5.73 30.79 -2.18
C THR A 154 4.37 30.12 -2.44
N ILE A 155 4.38 29.07 -3.26
CA ILE A 155 3.13 28.34 -3.53
C ILE A 155 2.63 27.71 -2.22
N TYR A 156 3.55 27.20 -1.40
CA TYR A 156 3.15 26.65 -0.12
C TYR A 156 2.54 27.72 0.78
N ARG A 157 3.20 28.89 0.87
CA ARG A 157 2.70 29.97 1.71
C ARG A 157 1.38 30.55 1.24
N LYS A 158 1.18 30.66 -0.05
CA LYS A 158 -0.04 31.28 -0.57
C LYS A 158 -1.21 30.31 -0.70
N VAL A 159 -0.90 29.05 -1.01
CA VAL A 159 -1.93 28.05 -1.30
C VAL A 159 -1.92 26.89 -0.27
N TYR A 160 -0.95 25.99 -0.37
CA TYR A 160 -1.03 24.73 0.39
C TYR A 160 -1.06 24.87 1.91
N ASP A 161 -0.29 25.81 2.45
CA ASP A 161 -0.29 26.06 3.89
C ASP A 161 -1.48 26.94 4.38
N GLN A 162 -2.28 27.44 3.44
CA GLN A 162 -3.47 28.21 3.80
C GLN A 162 -4.68 27.27 3.86
N PRO A 163 -5.66 27.57 4.75
CA PRO A 163 -6.75 26.62 4.90
C PRO A 163 -7.36 26.35 3.54
N PHE A 164 -7.64 25.07 3.25
CA PHE A 164 -8.22 24.74 1.94
C PHE A 164 -9.55 25.47 1.75
N HIS A 165 -9.54 26.38 0.77
CA HIS A 165 -10.67 27.32 0.51
C HIS A 165 -10.95 28.26 1.64
N VAL B 4 -23.10 0.80 -12.29
CA VAL B 4 -24.27 0.97 -13.21
C VAL B 4 -24.28 -0.08 -14.34
N PHE B 5 -23.09 -0.38 -14.88
CA PHE B 5 -22.95 -1.25 -16.05
C PHE B 5 -22.12 -2.49 -15.75
N LEU B 6 -21.40 -2.47 -14.62
CA LEU B 6 -20.52 -3.57 -14.23
C LEU B 6 -21.03 -4.44 -13.07
N ALA B 7 -20.68 -5.72 -13.11
CA ALA B 7 -21.08 -6.66 -12.10
C ALA B 7 -20.24 -6.47 -10.84
N PHE B 8 -20.76 -6.97 -9.74
CA PHE B 8 -19.97 -7.20 -8.54
C PHE B 8 -19.65 -8.70 -8.61
N ALA B 9 -18.37 -9.03 -8.78
CA ALA B 9 -17.95 -10.40 -8.90
C ALA B 9 -17.90 -11.11 -7.53
N LYS B 10 -18.50 -12.29 -7.45
CA LYS B 10 -18.47 -13.07 -6.23
C LYS B 10 -17.13 -13.84 -6.21
N LEU B 11 -16.36 -13.67 -5.15
CA LEU B 11 -15.00 -14.22 -5.05
C LEU B 11 -14.75 -14.59 -3.61
N TYR B 12 -13.87 -15.57 -3.37
CA TYR B 12 -13.34 -15.81 -2.03
C TYR B 12 -12.58 -14.60 -1.53
N ILE B 13 -12.76 -14.30 -0.24
CA ILE B 13 -11.99 -13.23 0.37
C ILE B 13 -10.49 -13.57 0.30
N ARG B 14 -10.14 -14.86 0.36
CA ARG B 14 -8.74 -15.25 0.21
C ARG B 14 -8.16 -14.68 -1.13
N ASP B 15 -8.93 -14.72 -2.21
CA ASP B 15 -8.49 -14.19 -3.50
C ASP B 15 -8.47 -12.66 -3.57
N ILE B 16 -9.46 -12.01 -2.97
CA ILE B 16 -9.46 -10.55 -2.85
C ILE B 16 -8.19 -10.08 -2.14
N LEU B 17 -7.75 -10.82 -1.12
CA LEU B 17 -6.55 -10.47 -0.36
C LEU B 17 -5.24 -10.70 -1.13
N ASP B 18 -5.24 -11.70 -2.01
CA ASP B 18 -4.03 -12.22 -2.64
C ASP B 18 -3.81 -11.71 -4.07
N MET B 19 -4.88 -11.33 -4.76
CA MET B 19 -4.79 -10.88 -6.18
C MET B 19 -3.76 -9.78 -6.41
N LYS B 20 -2.99 -9.88 -7.48
CA LYS B 20 -2.05 -8.82 -7.79
C LYS B 20 -2.76 -7.57 -8.32
N GLU B 21 -2.24 -6.41 -7.97
CA GLU B 21 -2.75 -5.16 -8.50
C GLU B 21 -2.12 -4.88 -9.87
N SER B 22 -2.90 -4.32 -10.79
CA SER B 22 -2.39 -3.91 -12.09
C SER B 22 -1.59 -2.62 -11.94
N ARG B 23 -0.40 -2.58 -12.53
CA ARG B 23 0.38 -1.36 -12.50
C ARG B 23 -0.17 -0.36 -13.51
N GLN B 24 -0.57 -0.87 -14.67
CA GLN B 24 -1.15 -0.07 -15.74
C GLN B 24 -2.39 0.69 -15.28
N VAL B 25 -3.38 -0.04 -14.76
CA VAL B 25 -4.59 0.59 -14.26
C VAL B 25 -4.70 0.38 -12.74
N PRO B 26 -4.18 1.36 -11.96
CA PRO B 26 -4.34 1.39 -10.52
C PRO B 26 -5.78 1.15 -10.12
N GLY B 27 -5.95 0.44 -9.01
CA GLY B 27 -7.28 0.09 -8.51
C GLY B 27 -7.84 -1.16 -9.15
N VAL B 28 -7.30 -1.59 -10.30
CA VAL B 28 -7.74 -2.84 -10.92
C VAL B 28 -6.86 -3.98 -10.43
N PHE B 29 -7.50 -5.08 -10.02
CA PHE B 29 -6.80 -6.27 -9.54
C PHE B 29 -7.00 -7.42 -10.51
N LEU B 30 -6.12 -8.42 -10.46
CA LEU B 30 -6.10 -9.43 -11.51
C LEU B 30 -6.15 -10.83 -10.92
N TYR B 31 -7.11 -11.60 -11.41
CA TYR B 31 -7.17 -13.00 -11.09
C TYR B 31 -7.06 -13.76 -12.40
N ASN B 32 -5.98 -14.54 -12.55
CA ASN B 32 -5.75 -15.31 -13.78
C ASN B 32 -6.03 -14.45 -15.03
N GLY B 33 -5.50 -13.23 -15.02
CA GLY B 33 -5.67 -12.30 -16.15
C GLY B 33 -7.00 -11.56 -16.23
N HIS B 34 -7.95 -11.88 -15.35
CA HIS B 34 -9.26 -11.19 -15.30
C HIS B 34 -9.22 -9.94 -14.45
N PRO B 35 -9.58 -8.78 -15.04
CA PRO B 35 -9.61 -7.54 -14.26
C PRO B 35 -10.79 -7.56 -13.29
N ILE B 36 -10.54 -7.23 -12.03
CA ILE B 36 -11.56 -7.23 -10.98
C ILE B 36 -11.46 -5.95 -10.18
N LYS B 37 -12.61 -5.29 -9.98
CA LYS B 37 -12.70 -4.12 -9.11
C LYS B 37 -13.83 -4.28 -8.11
N GLN B 38 -15.04 -4.38 -8.63
CA GLN B 38 -16.24 -4.55 -7.82
C GLN B 38 -16.45 -6.00 -7.42
N VAL B 39 -16.64 -6.23 -6.12
CA VAL B 39 -16.80 -7.57 -5.54
C VAL B 39 -18.06 -7.72 -4.67
N ASP B 40 -18.49 -8.97 -4.47
CA ASP B 40 -19.71 -9.31 -3.77
C ASP B 40 -19.29 -10.37 -2.77
N VAL B 41 -19.28 -10.01 -1.49
CA VAL B 41 -18.89 -10.94 -0.47
C VAL B 41 -20.03 -11.15 0.53
N LEU B 42 -20.05 -12.34 1.12
CA LEU B 42 -20.98 -12.72 2.13
C LEU B 42 -20.14 -13.39 3.22
N GLY B 43 -20.35 -13.03 4.48
CA GLY B 43 -19.60 -13.71 5.58
C GLY B 43 -20.11 -13.33 6.95
N THR B 44 -19.35 -13.71 7.97
CA THR B 44 -19.76 -13.47 9.35
C THR B 44 -19.04 -12.20 9.82
N VAL B 45 -19.73 -11.35 10.57
CA VAL B 45 -19.09 -10.15 11.13
C VAL B 45 -18.25 -10.60 12.32
N ILE B 46 -16.96 -10.38 12.25
CA ILE B 46 -16.09 -10.71 13.39
C ILE B 46 -15.54 -9.46 14.09
N GLY B 47 -15.91 -8.29 13.59
CA GLY B 47 -15.43 -7.03 14.16
C GLY B 47 -16.27 -5.86 13.69
N VAL B 48 -16.47 -4.91 14.61
CA VAL B 48 -17.25 -3.72 14.33
C VAL B 48 -16.47 -2.53 14.88
N ARG B 49 -16.26 -1.51 14.05
CA ARG B 49 -15.73 -0.24 14.53
C ARG B 49 -16.56 0.86 13.90
N GLU B 50 -17.01 1.81 14.72
CA GLU B 50 -17.76 2.94 14.22
C GLU B 50 -16.91 4.21 14.29
N ARG B 51 -16.77 4.85 13.13
CA ARG B 51 -16.19 6.17 13.01
C ARG B 51 -17.30 7.14 12.56
N ASP B 52 -16.95 8.38 12.25
CA ASP B 52 -17.96 9.41 12.00
C ASP B 52 -18.70 9.26 10.67
N ALA B 53 -17.98 8.95 9.60
CA ALA B 53 -18.60 8.83 8.28
C ALA B 53 -18.90 7.39 7.85
N PHE B 54 -18.43 6.41 8.62
CA PHE B 54 -18.53 5.00 8.21
C PHE B 54 -18.51 3.99 9.37
N TYR B 55 -18.99 2.78 9.10
CA TYR B 55 -18.68 1.63 9.94
C TYR B 55 -17.63 0.78 9.24
N SER B 56 -16.76 0.18 10.04
CA SER B 56 -15.83 -0.83 9.55
C SER B 56 -16.20 -2.20 10.10
N TYR B 57 -16.68 -3.07 9.21
CA TYR B 57 -17.03 -4.44 9.55
C TYR B 57 -15.97 -5.42 9.06
N GLY B 58 -15.34 -6.09 10.01
CA GLY B 58 -14.47 -7.23 9.69
C GLY B 58 -15.33 -8.43 9.29
N VAL B 59 -15.14 -8.93 8.06
CA VAL B 59 -15.97 -10.00 7.49
C VAL B 59 -15.15 -11.23 7.18
N ASP B 60 -15.59 -12.36 7.73
CA ASP B 60 -14.97 -13.67 7.57
C ASP B 60 -15.89 -14.61 6.72
N ASP B 61 -15.42 -15.02 5.54
CA ASP B 61 -16.16 -15.94 4.67
C ASP B 61 -15.62 -17.37 4.73
N SER B 62 -14.80 -17.68 5.75
CA SER B 62 -14.11 -18.97 5.88
C SER B 62 -12.83 -19.16 5.04
N THR B 63 -12.59 -18.29 4.05
CA THR B 63 -11.30 -18.33 3.32
C THR B 63 -10.34 -17.23 3.73
N GLY B 64 -10.92 -16.11 4.14
CA GLY B 64 -10.13 -15.01 4.66
C GLY B 64 -11.03 -14.03 5.38
N VAL B 65 -10.41 -12.96 5.88
CA VAL B 65 -11.05 -11.94 6.67
C VAL B 65 -10.62 -10.60 6.09
N ILE B 66 -11.56 -9.69 5.92
CA ILE B 66 -11.24 -8.41 5.33
C ILE B 66 -12.17 -7.38 5.94
N ASN B 67 -11.67 -6.17 6.11
CA ASN B 67 -12.52 -5.08 6.55
C ASN B 67 -13.32 -4.51 5.42
N CYS B 68 -14.59 -4.26 5.69
CA CYS B 68 -15.48 -3.67 4.73
C CYS B 68 -15.87 -2.33 5.33
N ILE B 69 -15.58 -1.26 4.59
CA ILE B 69 -15.85 0.10 5.01
C ILE B 69 -17.22 0.44 4.46
N CYS B 70 -18.17 0.66 5.34
CA CYS B 70 -19.56 0.84 4.91
C CYS B 70 -20.03 2.27 5.26
N TRP B 71 -20.13 3.10 4.22
CA TRP B 71 -20.50 4.52 4.35
C TRP B 71 -21.89 4.71 4.86
N LYS B 72 -22.06 5.69 5.74
CA LYS B 72 -23.37 6.08 6.25
C LYS B 72 -24.13 6.90 5.21
N LYS B 73 -25.46 6.82 5.23
CA LYS B 73 -26.33 7.51 4.25
C LYS B 73 -26.55 9.00 4.58
N LEU B 95 -43.49 8.93 14.25
CA LEU B 95 -43.01 7.59 13.88
C LEU B 95 -41.51 7.58 13.55
N LYS B 96 -40.79 8.50 14.19
CA LYS B 96 -39.33 8.51 14.17
C LYS B 96 -38.81 7.75 15.40
N LYS B 97 -39.73 7.20 16.17
CA LYS B 97 -39.39 6.27 17.25
C LYS B 97 -38.67 5.08 16.64
N LEU B 98 -39.26 4.50 15.59
CA LEU B 98 -38.73 3.34 14.89
C LEU B 98 -37.34 3.58 14.29
N GLN B 99 -37.16 4.77 13.74
CA GLN B 99 -35.94 5.10 13.03
C GLN B 99 -35.04 5.81 14.02
N GLU B 100 -34.77 5.08 15.09
CA GLU B 100 -34.08 5.59 16.27
C GLU B 100 -33.99 4.47 17.28
N THR B 101 -35.01 4.39 18.14
CA THR B 101 -35.20 3.29 19.08
C THR B 101 -34.85 1.95 18.43
N ILE B 102 -35.69 1.54 17.46
CA ILE B 102 -35.62 0.20 16.86
C ILE B 102 -34.43 0.01 15.93
N GLU B 103 -34.40 0.77 14.83
CA GLU B 103 -33.32 0.68 13.85
C GLU B 103 -31.94 0.75 14.49
N GLN B 104 -31.77 1.68 15.42
CA GLN B 104 -30.47 1.85 16.10
C GLN B 104 -30.21 0.85 17.22
N LYS B 105 -31.24 0.17 17.71
CA LYS B 105 -31.03 -0.89 18.70
C LYS B 105 -30.52 -2.18 18.04
N THR B 106 -31.04 -2.49 16.85
CA THR B 106 -30.69 -3.73 16.14
C THR B 106 -29.63 -3.55 15.02
N LYS B 107 -28.66 -2.68 15.26
CA LYS B 107 -27.53 -2.49 14.35
C LYS B 107 -26.70 -3.76 14.15
N ILE B 108 -25.97 -3.82 13.04
CA ILE B 108 -25.05 -4.92 12.76
C ILE B 108 -24.05 -5.17 13.89
N GLU B 109 -23.91 -6.42 14.32
CA GLU B 109 -22.95 -6.73 15.37
C GLU B 109 -22.15 -7.99 15.08
N ILE B 110 -21.13 -8.22 15.90
CA ILE B 110 -20.34 -9.45 15.84
C ILE B 110 -21.27 -10.68 15.85
N GLY B 111 -21.01 -11.62 14.95
CA GLY B 111 -21.84 -12.81 14.88
C GLY B 111 -22.93 -12.70 13.82
N ASP B 112 -23.28 -11.48 13.39
CA ASP B 112 -24.25 -11.32 12.27
C ASP B 112 -23.67 -11.75 10.90
N THR B 113 -24.58 -12.07 9.97
CA THR B 113 -24.21 -12.36 8.61
C THR B 113 -24.50 -11.12 7.76
N ILE B 114 -23.53 -10.72 6.94
CA ILE B 114 -23.62 -9.50 6.14
C ILE B 114 -23.27 -9.78 4.68
N ARG B 115 -23.91 -9.07 3.75
CA ARG B 115 -23.55 -9.15 2.36
C ARG B 115 -23.02 -7.77 1.99
N VAL B 116 -21.85 -7.72 1.36
CA VAL B 116 -21.22 -6.46 0.97
C VAL B 116 -20.95 -6.47 -0.54
N ARG B 117 -21.50 -5.48 -1.23
CA ARG B 117 -21.21 -5.22 -2.63
C ARG B 117 -20.50 -3.88 -2.74
N GLY B 118 -19.24 -3.89 -3.14
CA GLY B 118 -18.43 -2.67 -3.18
C GLY B 118 -17.19 -2.82 -4.04
N SER B 119 -16.16 -2.04 -3.77
CA SER B 119 -14.95 -2.11 -4.59
C SER B 119 -13.73 -2.43 -3.74
N ILE B 120 -12.80 -3.21 -4.30
CA ILE B 120 -11.52 -3.49 -3.64
C ILE B 120 -10.69 -2.20 -3.65
N ARG B 121 -10.10 -1.88 -2.50
CA ARG B 121 -9.24 -0.69 -2.33
C ARG B 121 -8.06 -1.04 -1.45
N THR B 122 -6.94 -0.37 -1.68
CA THR B 122 -5.80 -0.50 -0.80
C THR B 122 -5.76 0.75 0.03
N TYR B 123 -5.37 0.61 1.29
CA TYR B 123 -5.33 1.73 2.19
C TYR B 123 -4.32 1.39 3.27
N ARG B 124 -3.31 2.25 3.40
CA ARG B 124 -2.24 2.07 4.39
C ARG B 124 -1.73 0.64 4.34
N GLU B 125 -1.42 0.18 3.13
CA GLU B 125 -0.81 -1.14 2.91
C GLU B 125 -1.70 -2.35 3.26
N GLU B 126 -2.98 -2.10 3.54
CA GLU B 126 -3.96 -3.16 3.72
C GLU B 126 -4.99 -3.09 2.60
N ARG B 127 -5.59 -4.23 2.27
CA ARG B 127 -6.74 -4.21 1.41
C ARG B 127 -8.03 -4.22 2.20
N GLU B 128 -9.02 -3.55 1.66
CA GLU B 128 -10.33 -3.43 2.28
C GLU B 128 -11.34 -3.23 1.17
N ILE B 129 -12.61 -3.44 1.48
CA ILE B 129 -13.66 -3.22 0.50
C ILE B 129 -14.38 -1.94 0.89
N HIS B 130 -14.71 -1.12 -0.10
CA HIS B 130 -15.51 0.08 0.16
C HIS B 130 -16.85 -0.19 -0.42
N ALA B 131 -17.86 -0.22 0.44
CA ALA B 131 -19.16 -0.76 0.09
C ALA B 131 -20.06 0.28 -0.52
N THR B 132 -20.62 -0.09 -1.66
CA THR B 132 -21.79 0.56 -2.19
C THR B 132 -22.97 0.12 -1.32
N THR B 133 -23.31 -1.17 -1.39
CA THR B 133 -24.43 -1.76 -0.67
C THR B 133 -23.90 -2.69 0.40
N TYR B 134 -24.63 -2.80 1.50
CA TYR B 134 -24.29 -3.72 2.60
C TYR B 134 -25.54 -3.90 3.43
N TYR B 135 -25.85 -5.14 3.79
CA TYR B 135 -27.00 -5.38 4.65
C TYR B 135 -26.82 -6.66 5.44
N LYS B 136 -27.48 -6.68 6.59
CA LYS B 136 -27.56 -7.85 7.46
C LYS B 136 -28.39 -8.89 6.74
N VAL B 137 -27.86 -10.09 6.68
CA VAL B 137 -28.59 -11.18 6.03
C VAL B 137 -29.22 -12.04 7.11
N ASP B 138 -30.52 -12.22 7.02
CA ASP B 138 -31.25 -13.12 7.88
C ASP B 138 -31.09 -14.52 7.25
N ASP B 139 -30.31 -15.38 7.89
CA ASP B 139 -30.00 -16.70 7.33
C ASP B 139 -30.16 -17.77 8.42
N PRO B 140 -31.39 -17.95 8.94
CA PRO B 140 -31.56 -18.76 10.16
C PRO B 140 -31.23 -20.25 9.99
N VAL B 141 -31.32 -20.80 8.78
CA VAL B 141 -31.01 -22.22 8.60
C VAL B 141 -29.78 -22.41 7.69
N TRP B 142 -29.09 -21.30 7.40
CA TRP B 142 -27.78 -21.28 6.73
C TRP B 142 -27.90 -21.54 5.27
N ASN B 143 -29.15 -21.55 4.82
CA ASN B 143 -29.54 -21.60 3.43
C ASN B 143 -28.69 -20.75 2.48
N ILE B 144 -28.61 -19.46 2.78
CA ILE B 144 -27.99 -18.47 1.91
C ILE B 144 -26.50 -18.70 1.85
N GLN B 145 -25.90 -18.99 3.00
CA GLN B 145 -24.47 -19.24 3.07
C GLN B 145 -24.05 -20.60 2.47
N ILE B 146 -24.86 -21.64 2.67
CA ILE B 146 -24.65 -22.90 1.96
C ILE B 146 -24.74 -22.74 0.44
N ALA B 147 -25.76 -22.03 -0.03
CA ALA B 147 -25.92 -21.77 -1.46
C ALA B 147 -24.69 -21.09 -2.06
N ARG B 148 -24.17 -20.11 -1.33
CA ARG B 148 -23.00 -19.37 -1.77
C ARG B 148 -21.77 -20.24 -1.78
N MET B 149 -21.57 -21.00 -0.71
CA MET B 149 -20.46 -21.95 -0.68
C MET B 149 -20.50 -22.94 -1.85
N LEU B 150 -21.70 -23.35 -2.25
CA LEU B 150 -21.84 -24.32 -3.34
C LEU B 150 -21.65 -23.65 -4.71
N GLU B 151 -22.02 -22.38 -4.81
CA GLU B 151 -21.97 -21.71 -6.10
C GLU B 151 -20.54 -21.24 -6.49
N LEU B 152 -19.76 -20.79 -5.54
CA LEU B 152 -18.47 -20.22 -5.86
C LEU B 152 -17.51 -21.12 -6.68
N PRO B 153 -17.40 -22.44 -6.36
CA PRO B 153 -16.50 -23.23 -7.22
C PRO B 153 -16.93 -23.30 -8.68
N THR B 154 -18.24 -23.27 -8.91
CA THR B 154 -18.78 -23.21 -10.28
C THR B 154 -18.41 -21.95 -11.02
N ILE B 155 -18.56 -20.80 -10.36
CA ILE B 155 -18.22 -19.52 -11.01
C ILE B 155 -16.73 -19.51 -11.37
N TYR B 156 -15.89 -20.01 -10.45
CA TYR B 156 -14.46 -20.12 -10.74
C TYR B 156 -14.18 -21.05 -11.93
N ARG B 157 -14.87 -22.20 -11.98
CA ARG B 157 -14.64 -23.16 -13.06
C ARG B 157 -15.08 -22.64 -14.41
N LYS B 158 -16.21 -21.94 -14.44
CA LYS B 158 -16.73 -21.42 -15.72
C LYS B 158 -16.04 -20.14 -16.18
N VAL B 159 -15.67 -19.28 -15.23
CA VAL B 159 -15.20 -17.92 -15.56
C VAL B 159 -13.74 -17.66 -15.14
N TYR B 160 -13.49 -17.50 -13.85
CA TYR B 160 -12.19 -16.98 -13.39
C TYR B 160 -10.98 -17.88 -13.73
N ASP B 161 -11.16 -19.20 -13.67
CA ASP B 161 -10.08 -20.14 -13.96
C ASP B 161 -9.89 -20.43 -15.46
N GLN B 162 -10.76 -19.88 -16.30
CA GLN B 162 -10.57 -19.96 -17.76
C GLN B 162 -9.72 -18.80 -18.24
N PRO B 163 -8.93 -18.99 -19.32
CA PRO B 163 -8.14 -17.87 -19.86
C PRO B 163 -9.03 -16.66 -20.14
N PHE B 164 -8.50 -15.47 -19.88
CA PHE B 164 -9.29 -14.24 -20.00
C PHE B 164 -9.56 -13.84 -21.47
N HIS B 165 -10.78 -13.39 -21.72
CA HIS B 165 -11.22 -12.80 -23.01
C HIS B 165 -10.86 -13.60 -24.22
N MET C 1 14.34 0.44 -5.12
CA MET C 1 15.60 0.56 -4.34
C MET C 1 16.26 1.92 -4.57
N LEU C 2 15.77 2.92 -3.85
CA LEU C 2 16.16 4.30 -4.09
C LEU C 2 17.13 4.85 -3.04
N PRO C 3 18.14 5.62 -3.49
CA PRO C 3 19.02 6.32 -2.55
C PRO C 3 18.27 7.42 -1.81
N LYS C 4 18.88 7.92 -0.74
CA LYS C 4 18.40 9.10 -0.05
C LYS C 4 18.55 10.35 -0.95
N PRO C 5 17.82 11.43 -0.63
CA PRO C 5 17.90 12.62 -1.48
C PRO C 5 19.22 13.38 -1.33
N GLY C 6 19.68 14.00 -2.43
CA GLY C 6 20.85 14.87 -2.37
C GLY C 6 20.55 16.20 -1.69
N THR C 7 20.66 16.23 -0.35
CA THR C 7 20.36 17.45 0.41
C THR C 7 21.39 18.54 0.06
N TYR C 8 20.94 19.78 -0.15
CA TYR C 8 21.89 20.86 -0.42
C TYR C 8 22.70 21.28 0.80
N TYR C 9 24.02 21.21 0.67
CA TYR C 9 24.92 21.81 1.64
C TYR C 9 25.83 22.76 0.92
N LEU C 10 26.06 23.91 1.53
CA LEU C 10 27.07 24.82 1.07
C LEU C 10 28.42 24.16 1.28
N PRO C 11 29.36 24.38 0.35
CA PRO C 11 30.66 23.72 0.35
C PRO C 11 31.47 23.94 1.62
N TRP C 12 31.40 25.14 2.18
CA TRP C 12 32.06 25.42 3.45
C TRP C 12 31.42 24.73 4.61
N GLU C 13 30.19 24.25 4.45
CA GLU C 13 29.62 23.35 5.45
C GLU C 13 30.24 21.95 5.33
N VAL C 14 30.40 21.45 4.11
CA VAL C 14 31.08 20.17 3.89
C VAL C 14 32.54 20.25 4.38
N SER C 15 33.25 21.32 3.98
CA SER C 15 34.63 21.61 4.40
C SER C 15 34.84 21.57 5.90
N ALA C 16 33.95 22.24 6.63
CA ALA C 16 34.06 22.35 8.07
C ALA C 16 33.65 21.07 8.82
N GLY C 17 33.34 20.00 8.09
CA GLY C 17 32.96 18.72 8.72
C GLY C 17 31.58 18.70 9.36
N GLN C 18 30.66 19.49 8.82
CA GLN C 18 29.31 19.61 9.39
C GLN C 18 28.30 18.62 8.83
N VAL C 19 28.72 17.80 7.88
CA VAL C 19 27.83 16.81 7.28
C VAL C 19 28.29 15.43 7.78
N PRO C 20 27.41 14.71 8.51
CA PRO C 20 27.78 13.40 9.05
C PRO C 20 28.20 12.39 7.98
N ASP C 21 29.21 11.58 8.32
CA ASP C 21 29.67 10.44 7.52
C ASP C 21 28.47 9.68 6.95
N GLY C 22 28.53 9.36 5.67
CA GLY C 22 27.46 8.59 5.06
C GLY C 22 26.25 9.38 4.56
N SER C 23 26.15 10.68 4.86
CA SER C 23 25.02 11.51 4.32
C SER C 23 25.07 11.62 2.81
N THR C 24 23.89 11.73 2.19
CA THR C 24 23.77 11.99 0.77
C THR C 24 23.52 13.48 0.59
N LEU C 25 24.23 14.09 -0.36
CA LEU C 25 24.29 15.55 -0.44
C LEU C 25 24.44 16.02 -1.87
N ARG C 26 24.01 17.26 -2.12
CA ARG C 26 24.45 18.04 -3.27
C ARG C 26 25.34 19.14 -2.72
N THR C 27 26.48 19.39 -3.37
CA THR C 27 27.18 20.64 -3.13
C THR C 27 27.78 21.21 -4.44
N PHE C 28 28.48 22.32 -4.36
CA PHE C 28 28.92 22.98 -5.56
C PHE C 28 30.27 23.63 -5.35
N GLY C 29 30.87 24.04 -6.45
CA GLY C 29 32.18 24.69 -6.44
C GLY C 29 32.86 24.70 -7.78
N ARG C 30 33.94 25.46 -7.87
CA ARG C 30 34.73 25.55 -9.08
C ARG C 30 35.67 24.38 -9.14
N LEU C 31 35.68 23.70 -10.28
CA LEU C 31 36.59 22.56 -10.48
C LEU C 31 38.01 23.07 -10.65
N CYS C 32 38.84 22.75 -9.67
CA CYS C 32 40.22 23.23 -9.61
C CYS C 32 41.29 22.13 -9.71
N LEU C 33 40.88 20.88 -9.51
CA LEU C 33 41.71 19.73 -9.77
C LEU C 33 40.94 18.56 -10.40
N TYR C 34 41.51 18.00 -11.47
CA TYR C 34 41.08 16.70 -11.97
C TYR C 34 42.28 15.85 -12.30
N ASP C 35 42.37 14.71 -11.63
CA ASP C 35 43.39 13.71 -11.89
C ASP C 35 42.68 12.40 -12.16
N MET C 36 42.69 11.99 -13.43
CA MET C 36 41.94 10.81 -13.83
C MET C 36 42.49 9.53 -13.21
N ILE C 37 43.82 9.40 -13.20
CA ILE C 37 44.51 8.21 -12.69
C ILE C 37 44.15 7.92 -11.24
N GLN C 38 44.01 8.97 -10.44
CA GLN C 38 43.58 8.75 -9.07
C GLN C 38 42.08 9.00 -8.85
N SER C 39 41.33 9.18 -9.94
CA SER C 39 39.89 9.46 -9.87
C SER C 39 39.52 10.56 -8.85
N ARG C 40 40.30 11.64 -8.82
CA ARG C 40 40.05 12.70 -7.86
C ARG C 40 39.71 14.01 -8.51
N VAL C 41 38.72 14.67 -7.93
CA VAL C 41 38.32 16.02 -8.29
C VAL C 41 38.36 16.85 -7.00
N THR C 42 38.79 18.09 -7.13
CA THR C 42 38.63 19.04 -6.05
C THR C 42 37.72 20.16 -6.53
N LEU C 43 36.69 20.46 -5.75
CA LEU C 43 35.82 21.64 -5.98
C LEU C 43 36.16 22.72 -4.94
N MET C 44 36.25 23.97 -5.39
CA MET C 44 36.65 25.07 -4.52
C MET C 44 35.59 26.16 -4.44
N ALA C 45 35.44 26.73 -3.26
CA ALA C 45 34.56 27.88 -3.09
C ALA C 45 35.10 28.87 -2.05
N GLN C 46 34.97 30.15 -2.35
CA GLN C 46 35.28 31.25 -1.45
C GLN C 46 34.13 31.55 -0.47
N HIS C 47 34.45 31.79 0.80
CA HIS C 47 33.46 32.28 1.76
C HIS C 47 34.13 32.99 2.90
N GLY C 48 33.73 34.25 3.07
CA GLY C 48 34.28 35.19 4.07
C GLY C 48 35.29 34.72 5.12
N SER C 49 36.58 34.74 4.79
CA SER C 49 37.07 35.14 3.47
C SER C 49 38.14 34.15 3.01
N ASP C 50 37.90 32.88 3.32
CA ASP C 50 38.83 31.81 3.01
C ASP C 50 38.44 31.03 1.76
N GLN C 51 39.34 30.15 1.32
CA GLN C 51 39.06 29.15 0.32
C GLN C 51 38.61 27.88 1.04
N HIS C 52 37.66 27.16 0.45
CA HIS C 52 37.20 25.90 1.03
C HIS C 52 37.17 24.78 0.01
N GLN C 53 37.73 23.64 0.38
CA GLN C 53 37.89 22.49 -0.51
C GLN C 53 36.87 21.40 -0.29
N VAL C 54 36.33 20.86 -1.36
CA VAL C 54 35.51 19.65 -1.29
C VAL C 54 36.20 18.55 -2.12
N LEU C 55 36.63 17.47 -1.46
CA LEU C 55 37.24 16.34 -2.15
C LEU C 55 36.14 15.46 -2.79
N VAL C 56 36.28 15.13 -4.07
CA VAL C 56 35.34 14.29 -4.81
C VAL C 56 36.03 13.08 -5.48
N CYS C 57 35.41 11.91 -5.38
CA CYS C 57 35.92 10.70 -6.05
C CYS C 57 35.04 10.47 -7.25
N THR C 58 35.64 10.35 -8.42
CA THR C 58 34.93 10.31 -9.69
C THR C 58 34.66 8.92 -10.26
N LYS C 59 34.95 7.85 -9.50
CA LYS C 59 34.86 6.49 -10.06
C LYS C 59 33.54 6.17 -10.77
N LEU C 60 32.42 6.61 -10.20
CA LEU C 60 31.11 6.25 -10.73
C LEU C 60 30.65 7.18 -11.86
N VAL C 61 31.38 8.27 -12.07
CA VAL C 61 31.02 9.23 -13.11
C VAL C 61 32.01 9.20 -14.29
N GLU C 62 32.91 8.21 -14.30
CA GLU C 62 33.84 8.02 -15.41
C GLU C 62 33.09 7.35 -16.58
N PRO C 63 33.43 7.72 -17.83
CA PRO C 63 34.48 8.67 -18.19
C PRO C 63 34.03 10.10 -17.94
N PHE C 64 34.83 10.83 -17.16
CA PHE C 64 34.51 12.21 -16.81
C PHE C 64 35.17 13.17 -17.80
N HIS C 65 34.35 14.01 -18.45
CA HIS C 65 34.88 15.03 -19.35
C HIS C 65 34.97 16.36 -18.63
N ALA C 66 36.16 16.65 -18.10
CA ALA C 66 36.35 17.82 -17.25
C ALA C 66 36.35 19.18 -17.95
N GLN C 67 35.64 20.13 -17.32
CA GLN C 67 35.81 21.56 -17.58
C GLN C 67 36.47 22.22 -16.34
N VAL C 68 37.78 21.96 -16.19
CA VAL C 68 38.60 22.54 -15.12
C VAL C 68 38.56 24.06 -15.22
N GLY C 69 38.27 24.71 -14.08
CA GLY C 69 38.04 26.13 -14.08
C GLY C 69 36.56 26.50 -14.08
N SER C 70 35.68 25.53 -14.36
CA SER C 70 34.20 25.77 -14.38
C SER C 70 33.47 25.37 -13.10
N LEU C 71 32.31 25.99 -12.87
CA LEU C 71 31.46 25.59 -11.74
C LEU C 71 30.74 24.26 -11.95
N TYR C 72 30.72 23.44 -10.90
CA TYR C 72 30.03 22.14 -10.91
C TYR C 72 29.10 22.00 -9.74
N ILE C 73 28.11 21.11 -9.89
CA ILE C 73 27.30 20.63 -8.78
C ILE C 73 27.50 19.14 -8.71
N VAL C 74 27.93 18.66 -7.54
CA VAL C 74 28.10 17.25 -7.34
C VAL C 74 26.95 16.70 -6.49
N LEU C 75 26.53 15.49 -6.82
CA LEU C 75 25.53 14.74 -6.05
C LEU C 75 26.18 13.43 -5.69
N GLY C 76 26.23 13.12 -4.40
CA GLY C 76 26.82 11.87 -3.95
C GLY C 76 26.76 11.65 -2.44
N GLU C 77 27.57 10.71 -1.95
CA GLU C 77 27.61 10.33 -0.54
C GLU C 77 28.96 10.69 0.09
N LEU C 78 28.93 11.28 1.27
CA LEU C 78 30.13 11.72 1.94
C LEU C 78 30.73 10.56 2.73
N GLN C 79 32.03 10.36 2.58
CA GLN C 79 32.71 9.25 3.24
C GLN C 79 34.01 9.70 3.93
N HIS C 80 34.09 9.41 5.23
CA HIS C 80 35.32 9.56 6.01
C HIS C 80 36.41 8.72 5.41
N GLN C 81 37.63 9.22 5.45
CA GLN C 81 38.80 8.47 4.98
C GLN C 81 39.78 8.30 6.12
N GLN C 82 40.61 7.25 6.04
CA GLN C 82 41.58 6.94 7.08
C GLN C 82 43.03 7.13 6.58
N ASP C 83 43.60 8.33 6.79
CA ASP C 83 42.93 9.44 7.47
C ASP C 83 43.25 10.80 6.84
N ARG C 84 43.05 10.90 5.53
CA ARG C 84 43.10 12.20 4.86
C ARG C 84 41.73 12.87 4.97
N GLY C 85 41.28 13.57 3.94
CA GLY C 85 39.99 14.26 4.03
C GLY C 85 38.79 13.38 3.75
N SER C 86 37.62 13.77 4.27
CA SER C 86 36.33 13.22 3.85
C SER C 86 36.14 13.47 2.35
N VAL C 87 35.64 12.48 1.63
CA VAL C 87 35.46 12.60 0.19
C VAL C 87 34.01 12.38 -0.19
N VAL C 88 33.51 13.14 -1.17
CA VAL C 88 32.19 12.87 -1.73
C VAL C 88 32.36 11.81 -2.83
N LYS C 89 31.62 10.72 -2.72
CA LYS C 89 31.62 9.70 -3.77
C LYS C 89 30.50 10.10 -4.73
N ALA C 90 30.89 10.71 -5.86
CA ALA C 90 29.92 11.29 -6.82
C ALA C 90 29.09 10.21 -7.46
N ARG C 91 27.79 10.45 -7.55
CA ARG C 91 26.93 9.66 -8.42
C ARG C 91 26.55 10.52 -9.66
N VAL C 92 26.64 11.84 -9.49
CA VAL C 92 26.36 12.82 -10.57
C VAL C 92 27.34 13.99 -10.43
N LEU C 93 28.03 14.35 -11.51
CA LEU C 93 28.91 15.51 -11.48
C LEU C 93 28.59 16.37 -12.71
N THR C 94 27.92 17.50 -12.50
CA THR C 94 27.33 18.30 -13.57
C THR C 94 28.03 19.68 -13.72
N CYS C 95 28.46 20.01 -14.94
CA CYS C 95 29.02 21.34 -15.23
C CYS C 95 27.91 22.35 -15.29
N VAL C 96 28.02 23.41 -14.47
CA VAL C 96 27.03 24.49 -14.45
C VAL C 96 27.57 25.91 -14.73
N GLU C 97 28.71 26.03 -15.39
CA GLU C 97 29.25 27.35 -15.77
C GLU C 97 28.27 28.03 -16.75
N GLY C 98 27.86 29.30 -16.68
CA GLY C 98 27.89 30.27 -15.60
C GLY C 98 26.48 30.41 -15.02
N MET C 99 26.19 29.47 -14.14
CA MET C 99 25.12 29.56 -13.17
C MET C 99 25.26 30.86 -12.37
N ASN C 100 24.15 31.40 -11.88
CA ASN C 100 24.19 32.54 -10.95
C ASN C 100 24.40 32.01 -9.55
N LEU C 101 25.65 31.91 -9.15
CA LEU C 101 25.95 31.31 -7.86
C LEU C 101 25.24 31.99 -6.66
N PRO C 102 25.33 33.32 -6.53
CA PRO C 102 24.62 33.85 -5.38
C PRO C 102 23.12 33.59 -5.38
N LEU C 103 22.49 33.49 -6.57
CA LEU C 103 21.06 33.13 -6.60
C LEU C 103 20.84 31.69 -6.14
N LEU C 104 21.67 30.77 -6.60
CA LEU C 104 21.60 29.40 -6.07
C LEU C 104 21.59 29.44 -4.54
N GLU C 105 22.55 30.18 -3.97
CA GLU C 105 22.79 30.18 -2.53
C GLU C 105 21.58 30.76 -1.80
N GLN C 106 20.98 31.78 -2.39
CA GLN C 106 19.75 32.31 -1.84
C GLN C 106 18.61 31.30 -1.88
N ALA C 107 18.49 30.56 -3.00
CA ALA C 107 17.44 29.56 -3.14
C ALA C 107 17.60 28.46 -2.08
N ILE C 108 18.84 28.02 -1.89
CA ILE C 108 19.10 27.06 -0.84
C ILE C 108 18.68 27.61 0.53
N ARG C 109 19.12 28.83 0.88
CA ARG C 109 18.70 29.46 2.12
C ARG C 109 17.18 29.55 2.27
N GLU C 110 16.48 29.98 1.22
CA GLU C 110 15.03 30.14 1.30
C GLU C 110 14.34 28.79 1.52
N GLN C 111 14.86 27.76 0.85
CA GLN C 111 14.33 26.42 0.98
C GLN C 111 14.44 25.95 2.41
N ARG C 112 15.62 26.10 3.00
CA ARG C 112 15.87 25.72 4.41
C ARG C 112 14.96 26.51 5.38
N LEU C 113 14.89 27.82 5.19
CA LEU C 113 14.10 28.66 6.09
C LEU C 113 12.62 28.25 6.04
N TYR C 114 12.10 27.99 4.83
CA TYR C 114 10.71 27.52 4.67
C TYR C 114 10.45 26.23 5.43
N LYS C 115 11.39 25.29 5.33
CA LYS C 115 11.29 24.01 6.01
C LYS C 115 11.21 24.22 7.53
N GLN C 116 12.13 25.03 8.04
CA GLN C 116 12.16 25.46 9.43
C GLN C 116 10.88 26.21 9.89
N GLU C 117 10.31 27.07 9.03
CA GLU C 117 9.15 27.87 9.40
C GLU C 117 7.85 27.06 9.44
N ARG C 118 7.82 25.96 8.71
CA ARG C 118 6.59 25.17 8.52
C ARG C 118 5.85 24.79 9.81
N MET D 1 -3.92 -7.42 12.90
CA MET D 1 -5.04 -6.50 12.56
C MET D 1 -6.35 -7.24 12.76
N LEU D 2 -6.57 -8.23 11.91
CA LEU D 2 -7.80 -9.01 11.87
C LEU D 2 -7.52 -10.44 12.31
N PRO D 3 -8.52 -11.14 12.87
CA PRO D 3 -8.31 -12.56 13.15
C PRO D 3 -8.13 -13.38 11.87
N LYS D 4 -7.68 -14.62 12.05
CA LYS D 4 -7.63 -15.62 10.99
C LYS D 4 -9.06 -16.08 10.65
N PRO D 5 -9.28 -16.53 9.40
CA PRO D 5 -10.58 -17.05 9.01
C PRO D 5 -10.93 -18.33 9.75
N GLY D 6 -12.22 -18.50 10.05
CA GLY D 6 -12.75 -19.76 10.59
C GLY D 6 -12.94 -20.81 9.52
N THR D 7 -11.85 -21.54 9.27
CA THR D 7 -11.81 -22.65 8.33
C THR D 7 -12.79 -23.69 8.83
N TYR D 8 -13.59 -24.22 7.91
CA TYR D 8 -14.52 -25.32 8.20
C TYR D 8 -13.79 -26.62 8.44
N TYR D 9 -14.03 -27.19 9.61
CA TYR D 9 -13.57 -28.52 9.97
C TYR D 9 -14.79 -29.33 10.41
N LEU D 10 -14.76 -30.62 10.12
CA LEU D 10 -15.82 -31.51 10.56
C LEU D 10 -15.61 -31.80 12.05
N PRO D 11 -16.70 -31.96 12.79
CA PRO D 11 -16.46 -32.10 14.24
C PRO D 11 -15.61 -33.31 14.58
N TRP D 12 -15.73 -34.40 13.81
CA TRP D 12 -14.90 -35.62 14.03
C TRP D 12 -13.45 -35.44 13.70
N GLU D 13 -13.12 -34.45 12.87
CA GLU D 13 -11.73 -34.05 12.61
C GLU D 13 -11.18 -33.33 13.83
N VAL D 14 -12.03 -32.48 14.43
CA VAL D 14 -11.68 -31.77 15.65
C VAL D 14 -11.54 -32.72 16.83
N SER D 15 -12.52 -33.60 17.04
CA SER D 15 -12.48 -34.52 18.18
C SER D 15 -11.31 -35.50 18.10
N ALA D 16 -10.89 -35.84 16.87
CA ALA D 16 -9.80 -36.80 16.69
C ALA D 16 -8.41 -36.17 16.85
N GLY D 17 -8.36 -34.85 16.97
CA GLY D 17 -7.08 -34.15 17.09
C GLY D 17 -6.38 -33.90 15.76
N GLN D 18 -7.16 -33.79 14.69
CA GLN D 18 -6.55 -33.52 13.37
C GLN D 18 -6.39 -32.02 13.10
N VAL D 19 -6.97 -31.21 13.98
CA VAL D 19 -6.86 -29.75 13.87
C VAL D 19 -5.85 -29.26 14.91
N PRO D 20 -4.70 -28.70 14.46
CA PRO D 20 -3.69 -28.28 15.44
C PRO D 20 -4.25 -27.28 16.45
N ASP D 21 -3.79 -27.41 17.69
CA ASP D 21 -4.15 -26.47 18.75
C ASP D 21 -3.77 -25.08 18.27
N GLY D 22 -4.60 -24.09 18.60
CA GLY D 22 -4.35 -22.71 18.18
C GLY D 22 -5.02 -22.36 16.86
N SER D 23 -5.52 -23.37 16.14
CA SER D 23 -6.19 -23.11 14.86
C SER D 23 -7.50 -22.38 15.08
N THR D 24 -7.81 -21.48 14.16
CA THR D 24 -9.04 -20.79 14.15
C THR D 24 -9.94 -21.57 13.21
N LEU D 25 -11.18 -21.81 13.64
CA LEU D 25 -12.04 -22.76 12.92
C LEU D 25 -13.49 -22.44 13.02
N ARG D 26 -14.26 -23.01 12.09
CA ARG D 26 -15.67 -23.23 12.27
C ARG D 26 -15.89 -24.72 12.40
N THR D 27 -16.80 -25.09 13.29
CA THR D 27 -17.31 -26.42 13.24
C THR D 27 -18.80 -26.47 13.63
N PHE D 28 -19.39 -27.66 13.64
CA PHE D 28 -20.82 -27.79 13.89
C PHE D 28 -21.10 -28.96 14.82
N GLY D 29 -22.29 -28.96 15.42
CA GLY D 29 -22.77 -30.08 16.24
C GLY D 29 -24.07 -29.76 16.92
N ARG D 30 -24.63 -30.77 17.58
CA ARG D 30 -25.88 -30.64 18.30
C ARG D 30 -25.60 -30.43 19.78
N LEU D 31 -26.28 -29.46 20.38
CA LEU D 31 -26.09 -29.15 21.79
C LEU D 31 -26.64 -30.29 22.63
N CYS D 32 -25.79 -30.84 23.50
CA CYS D 32 -26.20 -31.82 24.50
C CYS D 32 -26.28 -31.22 25.89
N LEU D 33 -25.30 -30.38 26.23
CA LEU D 33 -25.19 -29.82 27.57
C LEU D 33 -24.69 -28.39 27.49
N TYR D 34 -25.21 -27.57 28.41
CA TYR D 34 -24.73 -26.21 28.61
C TYR D 34 -24.71 -25.89 30.10
N ASP D 35 -23.49 -25.71 30.61
CA ASP D 35 -23.22 -25.43 32.02
C ASP D 35 -22.89 -23.94 32.11
N MET D 36 -23.83 -23.17 32.64
CA MET D 36 -23.64 -21.72 32.72
C MET D 36 -22.57 -21.28 33.71
N ILE D 37 -22.36 -22.05 34.77
CA ILE D 37 -21.33 -21.73 35.76
C ILE D 37 -19.96 -21.75 35.11
N GLN D 38 -19.71 -22.81 34.35
CA GLN D 38 -18.43 -23.02 33.69
C GLN D 38 -18.36 -22.34 32.31
N SER D 39 -19.46 -21.72 31.87
CA SER D 39 -19.60 -21.20 30.51
C SER D 39 -19.14 -22.23 29.48
N ARG D 40 -19.70 -23.43 29.57
CA ARG D 40 -19.27 -24.51 28.72
C ARG D 40 -20.44 -25.19 28.07
N VAL D 41 -20.29 -25.40 26.76
CA VAL D 41 -21.20 -26.19 25.98
C VAL D 41 -20.54 -27.47 25.45
N THR D 42 -21.29 -28.57 25.52
CA THR D 42 -20.93 -29.81 24.85
C THR D 42 -21.77 -29.98 23.58
N LEU D 43 -21.10 -29.97 22.43
CA LEU D 43 -21.73 -30.29 21.14
C LEU D 43 -21.41 -31.73 20.75
N MET D 44 -22.38 -32.44 20.20
CA MET D 44 -22.12 -33.81 19.73
C MET D 44 -22.47 -33.95 18.26
N ALA D 45 -21.66 -34.73 17.55
CA ALA D 45 -21.92 -35.04 16.15
C ALA D 45 -21.85 -36.53 15.90
N GLN D 46 -22.94 -37.00 15.26
CA GLN D 46 -23.09 -38.36 14.78
C GLN D 46 -22.18 -38.60 13.57
N HIS D 47 -21.22 -39.50 13.68
CA HIS D 47 -20.52 -39.95 12.48
C HIS D 47 -20.54 -41.44 12.49
N GLY D 48 -21.77 -41.96 12.37
CA GLY D 48 -22.14 -43.36 12.62
C GLY D 48 -21.18 -44.41 12.12
N SER D 49 -20.96 -45.45 12.92
CA SER D 49 -21.63 -45.64 14.21
C SER D 49 -20.80 -45.14 15.38
N ASP D 50 -20.59 -43.82 15.43
CA ASP D 50 -19.71 -43.23 16.43
C ASP D 50 -20.18 -41.82 16.80
N GLN D 51 -20.00 -41.46 18.08
CA GLN D 51 -20.45 -40.17 18.59
C GLN D 51 -19.21 -39.32 18.90
N HIS D 52 -19.24 -38.05 18.48
CA HIS D 52 -18.07 -37.18 18.54
C HIS D 52 -18.30 -35.88 19.24
N GLN D 53 -17.54 -35.65 20.30
CA GLN D 53 -17.68 -34.50 21.18
C GLN D 53 -16.82 -33.31 20.78
N VAL D 54 -17.41 -32.11 20.81
CA VAL D 54 -16.69 -30.84 20.67
C VAL D 54 -17.10 -29.90 21.81
N LEU D 55 -16.15 -29.60 22.69
CA LEU D 55 -16.35 -28.62 23.76
C LEU D 55 -16.15 -27.16 23.32
N VAL D 56 -17.01 -26.30 23.89
CA VAL D 56 -17.07 -24.88 23.53
C VAL D 56 -17.14 -24.03 24.80
N CYS D 57 -16.20 -23.10 24.93
CA CYS D 57 -16.26 -22.09 25.97
C CYS D 57 -17.11 -20.94 25.44
N THR D 58 -18.11 -20.51 26.23
CA THR D 58 -19.10 -19.55 25.76
C THR D 58 -19.00 -18.17 26.40
N LYS D 59 -17.88 -17.87 27.04
CA LYS D 59 -17.74 -16.59 27.76
C LYS D 59 -18.01 -15.34 26.91
N LEU D 60 -17.64 -15.37 25.63
CA LEU D 60 -17.82 -14.20 24.76
C LEU D 60 -19.13 -14.18 23.99
N VAL D 61 -19.93 -15.24 24.09
CA VAL D 61 -21.10 -15.36 23.21
C VAL D 61 -22.44 -15.41 23.94
N GLU D 62 -22.41 -15.15 25.23
CA GLU D 62 -23.61 -15.19 26.07
C GLU D 62 -24.24 -13.81 26.10
N PRO D 63 -25.59 -13.73 26.14
CA PRO D 63 -26.55 -14.84 26.13
C PRO D 63 -26.85 -15.38 24.74
N PHE D 64 -27.21 -16.66 24.66
CA PHE D 64 -27.57 -17.26 23.39
C PHE D 64 -28.70 -18.27 23.60
N HIS D 65 -29.39 -18.56 22.52
CA HIS D 65 -30.48 -19.52 22.52
C HIS D 65 -29.96 -20.93 22.69
N ALA D 66 -30.17 -21.50 23.87
CA ALA D 66 -29.58 -22.79 24.21
C ALA D 66 -30.61 -23.90 24.18
N GLN D 67 -30.58 -24.69 23.10
CA GLN D 67 -31.56 -25.75 22.86
C GLN D 67 -30.90 -27.14 22.67
N VAL D 68 -31.29 -28.11 23.52
CA VAL D 68 -30.83 -29.49 23.35
C VAL D 68 -31.32 -30.04 22.02
N GLY D 69 -30.42 -30.71 21.28
CA GLY D 69 -30.79 -31.38 20.04
C GLY D 69 -30.71 -30.48 18.82
N SER D 70 -30.59 -29.16 19.01
CA SER D 70 -30.37 -28.24 17.89
C SER D 70 -28.93 -28.22 17.42
N LEU D 71 -28.76 -28.03 16.12
CA LEU D 71 -27.46 -27.79 15.50
C LEU D 71 -27.01 -26.37 15.74
N TYR D 72 -25.69 -26.25 15.90
CA TYR D 72 -24.99 -24.99 16.14
C TYR D 72 -23.79 -24.92 15.23
N ILE D 73 -23.47 -23.73 14.77
CA ILE D 73 -22.18 -23.48 14.14
C ILE D 73 -21.32 -22.60 15.05
N VAL D 74 -20.18 -23.13 15.52
CA VAL D 74 -19.25 -22.32 16.32
C VAL D 74 -18.09 -21.76 15.46
N LEU D 75 -17.73 -20.50 15.71
CA LEU D 75 -16.53 -19.90 15.13
C LEU D 75 -15.62 -19.45 16.26
N GLY D 76 -14.38 -19.92 16.25
CA GLY D 76 -13.45 -19.60 17.34
C GLY D 76 -12.10 -20.25 17.20
N GLU D 77 -11.35 -20.24 18.31
CA GLU D 77 -9.98 -20.76 18.37
C GLU D 77 -9.95 -22.07 19.15
N LEU D 78 -9.27 -23.08 18.60
CA LEU D 78 -9.12 -24.35 19.28
C LEU D 78 -7.97 -24.21 20.27
N GLN D 79 -8.17 -24.64 21.50
CA GLN D 79 -7.23 -24.31 22.57
C GLN D 79 -6.91 -25.51 23.44
N HIS D 80 -5.61 -25.71 23.71
CA HIS D 80 -5.15 -26.80 24.57
C HIS D 80 -5.60 -26.54 25.97
N GLN D 81 -6.22 -27.54 26.59
CA GLN D 81 -6.66 -27.42 27.97
C GLN D 81 -5.68 -28.18 28.85
N GLN D 82 -5.38 -27.62 30.01
CA GLN D 82 -4.56 -28.30 31.02
C GLN D 82 -5.46 -29.29 31.77
N ASP D 83 -5.25 -30.60 31.57
CA ASP D 83 -4.30 -31.13 30.59
C ASP D 83 -4.98 -32.22 29.76
N ARG D 84 -5.19 -31.93 28.47
CA ARG D 84 -5.95 -32.74 27.50
C ARG D 84 -7.42 -32.29 27.37
N GLY D 85 -8.04 -32.64 26.26
CA GLY D 85 -9.41 -32.24 25.98
C GLY D 85 -9.50 -30.80 25.54
N SER D 86 -9.05 -30.53 24.32
CA SER D 86 -9.09 -29.18 23.75
C SER D 86 -10.51 -28.57 23.77
N VAL D 87 -10.58 -27.25 23.79
CA VAL D 87 -11.84 -26.51 23.83
C VAL D 87 -11.83 -25.41 22.77
N VAL D 88 -12.96 -25.20 22.10
CA VAL D 88 -13.09 -24.07 21.18
C VAL D 88 -13.50 -22.85 22.00
N LYS D 89 -12.63 -21.83 22.05
CA LYS D 89 -13.04 -20.52 22.55
C LYS D 89 -13.85 -19.79 21.46
N ALA D 90 -15.17 -19.71 21.67
CA ALA D 90 -16.08 -19.17 20.67
C ALA D 90 -16.00 -17.67 20.60
N ARG D 91 -15.94 -17.12 19.38
CA ARG D 91 -16.19 -15.70 19.16
C ARG D 91 -17.59 -15.51 18.55
N VAL D 92 -18.11 -16.57 17.94
CA VAL D 92 -19.46 -16.62 17.44
C VAL D 92 -20.06 -18.01 17.68
N LEU D 93 -21.31 -18.05 18.12
CA LEU D 93 -21.97 -19.33 18.29
C LEU D 93 -23.38 -19.15 17.82
N THR D 94 -23.75 -19.82 16.73
CA THR D 94 -25.05 -19.60 16.11
C THR D 94 -25.90 -20.85 16.11
N CYS D 95 -27.14 -20.71 16.55
CA CYS D 95 -28.09 -21.79 16.52
C CYS D 95 -28.65 -21.84 15.10
N VAL D 96 -28.49 -22.97 14.43
CA VAL D 96 -29.05 -23.10 13.11
C VAL D 96 -30.04 -24.28 13.05
N GLU D 97 -30.85 -24.46 14.10
CA GLU D 97 -31.85 -25.53 14.10
C GLU D 97 -32.66 -25.50 12.81
N GLY D 98 -32.77 -26.63 12.14
CA GLY D 98 -33.46 -26.71 10.85
C GLY D 98 -32.51 -26.71 9.66
N MET D 99 -31.22 -26.51 9.91
CA MET D 99 -30.26 -26.53 8.80
C MET D 99 -30.20 -27.93 8.12
N ASN D 100 -30.05 -27.96 6.80
CA ASN D 100 -29.83 -29.21 6.07
C ASN D 100 -28.38 -29.60 6.24
N LEU D 101 -28.09 -30.44 7.23
CA LEU D 101 -26.70 -30.78 7.52
C LEU D 101 -25.94 -31.53 6.39
N PRO D 102 -26.55 -32.54 5.76
CA PRO D 102 -25.89 -33.19 4.61
C PRO D 102 -25.49 -32.18 3.48
N LEU D 103 -26.33 -31.17 3.25
CA LEU D 103 -26.04 -30.09 2.30
C LEU D 103 -24.86 -29.22 2.71
N LEU D 104 -24.78 -28.85 3.98
CA LEU D 104 -23.61 -28.13 4.48
C LEU D 104 -22.33 -28.98 4.31
N GLU D 105 -22.42 -30.22 4.75
CA GLU D 105 -21.30 -31.15 4.58
C GLU D 105 -20.86 -31.29 3.11
N GLN D 106 -21.81 -31.32 2.19
CA GLN D 106 -21.46 -31.32 0.78
C GLN D 106 -20.81 -30.01 0.35
N ALA D 107 -21.35 -28.88 0.83
CA ALA D 107 -20.75 -27.55 0.57
C ALA D 107 -19.31 -27.49 1.00
N ILE D 108 -19.02 -28.00 2.20
CA ILE D 108 -17.67 -27.95 2.72
C ILE D 108 -16.70 -28.82 1.91
N ARG D 109 -17.16 -30.02 1.54
CA ARG D 109 -16.39 -30.96 0.71
C ARG D 109 -16.09 -30.34 -0.64
N GLU D 110 -17.11 -29.74 -1.27
CA GLU D 110 -16.92 -29.16 -2.59
C GLU D 110 -15.93 -27.98 -2.53
N GLN D 111 -16.00 -27.19 -1.46
CA GLN D 111 -15.08 -26.09 -1.25
C GLN D 111 -13.64 -26.60 -1.15
N ARG D 112 -13.42 -27.60 -0.29
CA ARG D 112 -12.11 -28.23 -0.14
C ARG D 112 -11.56 -28.81 -1.42
N LEU D 113 -12.41 -29.57 -2.13
CA LEU D 113 -11.99 -30.20 -3.37
C LEU D 113 -11.65 -29.15 -4.42
N TYR D 114 -12.43 -28.06 -4.46
CA TYR D 114 -12.12 -27.00 -5.43
C TYR D 114 -10.73 -26.41 -5.15
N LYS D 115 -10.42 -26.26 -3.86
CA LYS D 115 -9.17 -25.65 -3.46
C LYS D 115 -7.99 -26.57 -3.78
N GLN D 116 -8.12 -27.89 -3.55
CA GLN D 116 -7.12 -28.86 -4.01
C GLN D 116 -6.93 -28.88 -5.53
N GLU D 117 -8.02 -28.75 -6.29
CA GLU D 117 -8.00 -28.85 -7.75
C GLU D 117 -7.35 -27.66 -8.44
N ARG D 118 -7.41 -26.49 -7.81
CA ARG D 118 -7.04 -25.23 -8.46
C ARG D 118 -5.66 -25.23 -9.14
#